data_4JXZ
#
_entry.id   4JXZ
#
_cell.length_a   93.270
_cell.length_b   236.710
_cell.length_c   114.010
_cell.angle_alpha   90.00
_cell.angle_beta   90.00
_cell.angle_gamma   90.00
#
_symmetry.space_group_name_H-M   'C 2 2 21'
#
loop_
_entity.id
_entity.type
_entity.pdbx_description
1 polymer 'Glutamine--tRNA ligase'
2 polymer 'RNA (71-MER)'
3 non-polymer "ADENOSINE-5'-TRIPHOSPHATE"
4 non-polymer 'SULFATE ION'
5 water water
#
loop_
_entity_poly.entity_id
_entity_poly.type
_entity_poly.pdbx_seq_one_letter_code
_entity_poly.pdbx_strand_id
1 'polypeptide(L)'
;SEAEARPTNFIRQIIDEDLASGKHTTVHTRFPPEPNGYLHIGHAKSICLNFGIAQDYKGQCNLRFDDTNPVKEDIEYVES
IKNDVEWLGFHWSGNVRYSSDYFDQLHAYAIELINKGLAYVDELTPEQIREYRGTLTQPGKNSPYRDRSVEENLALFEKM
RAGGFEEGKACLRAKIDMASPFIVMRDPVLYRIKFAEHHQTGNKWCIYPMYDFTHCISDALEGITHSLCTLEFQDNRRLY
DWVLDNITIPVHPRQYEFSRLNLEYTVMSKRKLNLLVTDKHVEGWDDPRMPTISGLRRRGYTAASIREFCKRIGVTKQDN
TIEMASLESCIREDLNENAPRAMAVIDPVKLVIENYQGEGEMVTMPNHPNKPEMGSRQVPFSGEIWIDRADFREEANKQY
KRLVLGKEVRLRNAYVIKAERVEKDAEGNITTIFCTYDADTLSKDPADGRKVKGVIHWVSAAHALPVEIRLYDRLFSVPN
PGAADDFLSVINPESLVIKQGFAEPSLKDAVAGKAFQFEREGYFCLDSRHSTAEKPVFNRTVGLRDTWAKVGE
;
A
2 'polyribonucleotide' UGGGGUAUCGCCAAGCGGUAAGGCACCGGUUUUUGAUACCGGCAUUCGCAGGUUCGAAUCCUGCUACCCCAGCCA B
#
# COMPACT_ATOMS: atom_id res chain seq x y z
N PRO A 7 10.53 18.50 -7.24
CA PRO A 7 10.79 17.39 -6.29
C PRO A 7 12.29 17.27 -6.01
N THR A 8 12.71 17.63 -4.79
CA THR A 8 14.12 17.57 -4.43
C THR A 8 14.33 17.12 -2.98
N ASN A 9 15.44 16.44 -2.72
CA ASN A 9 15.76 15.92 -1.39
C ASN A 9 17.27 15.74 -1.25
N PHE A 10 17.73 15.41 -0.05
CA PHE A 10 19.16 15.25 0.15
C PHE A 10 19.79 14.22 -0.76
N ILE A 11 19.03 13.22 -1.19
CA ILE A 11 19.60 12.21 -2.06
C ILE A 11 19.83 12.72 -3.48
N ARG A 12 18.86 13.44 -4.03
CA ARG A 12 19.02 13.99 -5.38
C ARG A 12 20.13 15.03 -5.40
N GLN A 13 20.39 15.67 -4.27
CA GLN A 13 21.46 16.65 -4.19
C GLN A 13 22.81 15.93 -4.18
N ILE A 14 22.82 14.71 -3.67
CA ILE A 14 24.05 13.93 -3.65
C ILE A 14 24.31 13.45 -5.07
N ILE A 15 23.24 13.10 -5.78
CA ILE A 15 23.39 12.63 -7.15
C ILE A 15 23.86 13.76 -8.07
N ASP A 16 23.28 14.95 -7.92
CA ASP A 16 23.70 16.08 -8.73
C ASP A 16 25.20 16.34 -8.54
N GLU A 17 25.65 16.30 -7.29
CA GLU A 17 27.05 16.52 -6.98
C GLU A 17 27.95 15.48 -7.66
N ASP A 18 27.56 14.21 -7.61
CA ASP A 18 28.37 13.16 -8.23
C ASP A 18 28.46 13.37 -9.73
N LEU A 19 27.33 13.71 -10.34
CA LEU A 19 27.28 13.96 -11.77
C LEU A 19 28.24 15.08 -12.15
N ALA A 20 28.15 16.20 -11.43
CA ALA A 20 29.00 17.35 -11.68
C ALA A 20 30.50 17.06 -11.45
N SER A 21 30.83 16.49 -10.31
CA SER A 21 32.23 16.17 -9.99
C SER A 21 32.81 15.16 -10.97
N GLY A 22 31.96 14.44 -11.67
CA GLY A 22 32.42 13.45 -12.62
C GLY A 22 32.51 12.05 -12.06
N LYS A 23 32.16 11.90 -10.78
CA LYS A 23 32.20 10.60 -10.13
C LYS A 23 31.38 9.59 -10.90
N HIS A 24 30.21 10.00 -11.35
CA HIS A 24 29.33 9.13 -12.13
C HIS A 24 28.89 9.91 -13.34
N THR A 25 28.55 9.21 -14.41
CA THR A 25 28.07 9.88 -15.62
C THR A 25 26.63 9.43 -15.89
N THR A 26 26.16 8.48 -15.09
CA THR A 26 24.80 7.96 -15.24
C THR A 26 24.34 7.38 -13.90
N VAL A 27 23.06 7.53 -13.58
CA VAL A 27 22.53 7.01 -12.33
C VAL A 27 21.84 5.66 -12.56
N HIS A 28 22.07 4.74 -11.65
CA HIS A 28 21.49 3.40 -11.73
C HIS A 28 21.09 3.00 -10.32
N THR A 29 19.79 2.93 -10.08
CA THR A 29 19.23 2.58 -8.78
C THR A 29 18.52 1.24 -8.86
N ARG A 30 17.92 0.82 -7.74
CA ARG A 30 17.16 -0.43 -7.75
C ARG A 30 16.16 -0.49 -6.62
N PHE A 31 15.11 -1.29 -6.81
CA PHE A 31 14.11 -1.51 -5.78
C PHE A 31 14.34 -2.99 -5.47
N PRO A 32 14.76 -3.33 -4.25
CA PRO A 32 15.01 -4.75 -3.94
C PRO A 32 14.12 -5.36 -2.88
N PRO A 33 12.85 -5.62 -3.19
CA PRO A 33 11.93 -6.21 -2.21
C PRO A 33 12.15 -7.71 -1.98
N GLU A 34 12.17 -8.15 -0.72
CA GLU A 34 12.29 -9.60 -0.49
C GLU A 34 10.92 -10.16 -0.81
N PRO A 35 10.84 -11.25 -1.58
CA PRO A 35 9.52 -11.79 -1.88
C PRO A 35 8.95 -12.64 -0.75
N ASN A 36 8.48 -11.98 0.31
CA ASN A 36 7.92 -12.65 1.48
C ASN A 36 6.61 -12.00 1.95
N GLY A 37 5.93 -11.30 1.07
CA GLY A 37 4.68 -10.66 1.44
C GLY A 37 4.32 -9.68 0.36
N TYR A 38 3.12 -9.09 0.40
CA TYR A 38 2.73 -8.13 -0.63
C TYR A 38 3.28 -6.74 -0.35
N LEU A 39 3.33 -5.92 -1.40
CA LEU A 39 3.85 -4.56 -1.32
C LEU A 39 2.85 -3.66 -0.66
N HIS A 40 3.34 -2.73 0.18
CA HIS A 40 2.47 -1.76 0.82
C HIS A 40 2.87 -0.33 0.41
N ILE A 41 2.08 0.64 0.87
CA ILE A 41 2.31 2.04 0.54
C ILE A 41 3.74 2.48 0.96
N GLY A 42 4.33 1.78 1.93
CA GLY A 42 5.68 2.12 2.33
C GLY A 42 6.65 1.75 1.20
N HIS A 43 6.40 0.62 0.56
CA HIS A 43 7.23 0.18 -0.55
C HIS A 43 7.09 1.18 -1.69
N ALA A 44 5.88 1.69 -1.90
CA ALA A 44 5.62 2.65 -2.96
C ALA A 44 6.50 3.90 -2.81
N LYS A 45 6.78 4.28 -1.56
CA LYS A 45 7.62 5.44 -1.31
C LYS A 45 9.02 5.15 -1.86
N SER A 46 9.48 3.93 -1.61
CA SER A 46 10.78 3.50 -2.07
C SER A 46 10.80 3.36 -3.59
N ILE A 47 9.67 2.94 -4.15
CA ILE A 47 9.54 2.75 -5.60
C ILE A 47 9.60 4.09 -6.33
N CYS A 48 8.85 5.08 -5.85
CA CYS A 48 8.85 6.40 -6.47
C CYS A 48 10.23 7.02 -6.39
N LEU A 49 10.89 6.84 -5.25
CA LEU A 49 12.22 7.37 -5.03
C LEU A 49 13.21 6.77 -6.02
N ASN A 50 13.27 5.45 -6.05
CA ASN A 50 14.21 4.74 -6.91
C ASN A 50 13.91 4.77 -8.41
N PHE A 51 12.68 4.50 -8.82
CA PHE A 51 12.36 4.56 -10.23
C PHE A 51 12.25 6.02 -10.59
N GLY A 52 11.75 6.84 -9.66
CA GLY A 52 11.60 8.25 -9.92
C GLY A 52 12.91 8.88 -10.30
N ILE A 53 13.92 8.65 -9.46
CA ILE A 53 15.25 9.18 -9.71
C ILE A 53 15.81 8.73 -11.06
N ALA A 54 15.62 7.46 -11.40
CA ALA A 54 16.14 6.96 -12.66
C ALA A 54 15.55 7.71 -13.84
N GLN A 55 14.23 7.82 -13.94
CA GLN A 55 13.67 8.50 -15.08
C GLN A 55 13.98 9.99 -15.12
N ASP A 56 14.10 10.64 -13.97
CA ASP A 56 14.42 12.06 -13.99
C ASP A 56 15.85 12.28 -14.49
N TYR A 57 16.77 11.36 -14.18
CA TYR A 57 18.15 11.51 -14.62
C TYR A 57 18.42 10.63 -15.84
N LYS A 58 17.36 10.24 -16.54
CA LYS A 58 17.52 9.40 -17.73
C LYS A 58 18.53 8.30 -17.41
N GLY A 59 18.24 7.53 -16.37
CA GLY A 59 19.10 6.44 -15.97
C GLY A 59 18.33 5.13 -15.94
N GLN A 60 18.77 4.20 -15.11
CA GLN A 60 18.15 2.88 -15.02
C GLN A 60 17.81 2.52 -13.59
N CYS A 61 16.71 1.79 -13.42
CA CYS A 61 16.32 1.32 -12.11
C CYS A 61 15.93 -0.15 -12.23
N ASN A 62 16.58 -1.01 -11.47
CA ASN A 62 16.30 -2.44 -11.52
C ASN A 62 15.28 -2.91 -10.48
N LEU A 63 14.64 -4.03 -10.78
CA LEU A 63 13.70 -4.65 -9.87
C LEU A 63 14.47 -5.90 -9.54
N ARG A 64 14.90 -6.02 -8.29
CA ARG A 64 15.65 -7.18 -7.86
C ARG A 64 15.03 -7.82 -6.63
N PHE A 65 14.54 -9.03 -6.79
CA PHE A 65 13.97 -9.72 -5.65
C PHE A 65 15.18 -10.16 -4.83
N ASP A 66 15.18 -9.74 -3.57
CA ASP A 66 16.27 -10.09 -2.67
C ASP A 66 15.88 -11.41 -2.01
N ASP A 67 15.91 -12.49 -2.79
CA ASP A 67 15.51 -13.80 -2.32
C ASP A 67 16.61 -14.65 -1.67
N THR A 68 17.13 -14.14 -0.55
CA THR A 68 18.21 -14.82 0.17
C THR A 68 17.79 -15.73 1.33
N ASN A 69 16.48 -15.78 1.63
CA ASN A 69 15.97 -16.61 2.72
C ASN A 69 14.76 -17.39 2.22
N PRO A 70 15.01 -18.56 1.60
CA PRO A 70 13.97 -19.43 1.06
C PRO A 70 12.82 -19.73 1.99
N VAL A 71 13.13 -19.97 3.25
CA VAL A 71 12.12 -20.32 4.24
C VAL A 71 10.96 -19.34 4.39
N LYS A 72 11.21 -18.05 4.23
CA LYS A 72 10.14 -17.08 4.37
C LYS A 72 9.58 -16.58 3.05
N GLU A 73 10.03 -17.16 1.95
CA GLU A 73 9.62 -16.68 0.63
C GLU A 73 8.70 -17.58 -0.17
N ASP A 74 7.93 -16.99 -1.08
CA ASP A 74 7.05 -17.75 -1.97
C ASP A 74 6.91 -17.10 -3.33
N ILE A 75 6.71 -17.93 -4.35
CA ILE A 75 6.57 -17.46 -5.73
C ILE A 75 5.34 -16.56 -5.84
N GLU A 76 4.36 -16.77 -4.97
CA GLU A 76 3.16 -15.95 -4.99
C GLU A 76 3.49 -14.47 -4.85
N TYR A 77 4.43 -14.19 -3.95
CA TYR A 77 4.83 -12.82 -3.69
C TYR A 77 5.63 -12.19 -4.80
N VAL A 78 6.52 -12.95 -5.44
CA VAL A 78 7.28 -12.34 -6.51
C VAL A 78 6.29 -11.99 -7.61
N GLU A 79 5.27 -12.81 -7.78
CA GLU A 79 4.24 -12.57 -8.78
C GLU A 79 3.44 -11.28 -8.51
N SER A 80 2.87 -11.16 -7.31
CA SER A 80 2.08 -9.97 -6.99
C SER A 80 2.91 -8.70 -6.95
N ILE A 81 4.16 -8.83 -6.50
CA ILE A 81 5.03 -7.66 -6.42
C ILE A 81 5.29 -7.03 -7.79
N LYS A 82 5.52 -7.86 -8.82
CA LYS A 82 5.73 -7.33 -10.16
C LYS A 82 4.45 -6.63 -10.62
N ASN A 83 3.33 -7.27 -10.34
CA ASN A 83 2.04 -6.70 -10.74
C ASN A 83 1.89 -5.31 -10.17
N ASP A 84 2.07 -5.17 -8.85
CA ASP A 84 1.91 -3.88 -8.23
C ASP A 84 2.93 -2.82 -8.66
N VAL A 85 4.16 -3.22 -8.95
CA VAL A 85 5.14 -2.22 -9.41
C VAL A 85 4.65 -1.69 -10.75
N GLU A 86 4.21 -2.59 -11.64
CA GLU A 86 3.73 -2.20 -12.95
C GLU A 86 2.48 -1.35 -12.77
N TRP A 87 1.54 -1.81 -11.95
CA TRP A 87 0.32 -1.05 -11.74
C TRP A 87 0.60 0.40 -11.32
N LEU A 88 1.69 0.62 -10.57
CA LEU A 88 2.03 1.98 -10.12
C LEU A 88 2.56 2.82 -11.28
N GLY A 89 2.80 2.16 -12.40
CA GLY A 89 3.29 2.86 -13.59
C GLY A 89 4.80 2.91 -13.79
N PHE A 90 5.52 1.98 -13.20
CA PHE A 90 6.97 1.97 -13.33
C PHE A 90 7.48 0.78 -14.09
N HIS A 91 8.61 0.96 -14.75
CA HIS A 91 9.21 -0.11 -15.54
C HIS A 91 10.67 -0.25 -15.15
N TRP A 92 11.11 -1.48 -14.95
CA TRP A 92 12.48 -1.72 -14.55
C TRP A 92 13.40 -1.89 -15.77
N SER A 93 14.69 -1.72 -15.54
CA SER A 93 15.67 -1.84 -16.61
C SER A 93 15.95 -3.31 -16.89
N GLY A 94 15.80 -3.71 -18.14
CA GLY A 94 16.08 -5.10 -18.50
C GLY A 94 15.17 -6.12 -17.84
N ASN A 95 15.73 -7.28 -17.55
CA ASN A 95 14.96 -8.35 -16.92
C ASN A 95 14.80 -8.18 -15.43
N VAL A 96 13.81 -8.88 -14.87
CA VAL A 96 13.61 -8.86 -13.43
C VAL A 96 14.88 -9.51 -12.90
N ARG A 97 15.46 -9.00 -11.82
CA ARG A 97 16.67 -9.66 -11.33
C ARG A 97 16.37 -10.37 -10.02
N TYR A 98 17.25 -11.29 -9.64
CA TYR A 98 17.10 -12.01 -8.40
C TYR A 98 18.48 -12.15 -7.77
N SER A 99 18.58 -11.91 -6.47
CA SER A 99 19.85 -12.08 -5.77
C SER A 99 20.31 -13.49 -6.01
N SER A 100 19.35 -14.41 -6.10
CA SER A 100 19.67 -15.81 -6.34
C SER A 100 20.35 -15.99 -7.72
N ASP A 101 20.18 -15.02 -8.63
CA ASP A 101 20.85 -15.14 -9.93
C ASP A 101 22.36 -15.11 -9.67
N TYR A 102 22.75 -14.60 -8.51
CA TYR A 102 24.16 -14.48 -8.15
C TYR A 102 24.70 -15.47 -7.13
N PHE A 103 23.97 -16.54 -6.82
CA PHE A 103 24.47 -17.49 -5.84
C PHE A 103 25.86 -18.05 -6.17
N ASP A 104 26.12 -18.42 -7.43
CA ASP A 104 27.42 -18.94 -7.81
C ASP A 104 28.52 -17.89 -7.59
N GLN A 105 28.20 -16.65 -7.92
CA GLN A 105 29.12 -15.53 -7.78
C GLN A 105 29.40 -15.28 -6.28
N LEU A 106 28.34 -15.18 -5.49
CA LEU A 106 28.48 -14.96 -4.06
C LEU A 106 29.32 -16.06 -3.44
N HIS A 107 29.07 -17.31 -3.86
CA HIS A 107 29.82 -18.44 -3.35
C HIS A 107 31.30 -18.24 -3.70
N ALA A 108 31.58 -17.78 -4.91
CA ALA A 108 32.97 -17.54 -5.31
C ALA A 108 33.57 -16.41 -4.49
N TYR A 109 32.77 -15.39 -4.17
CA TYR A 109 33.30 -14.30 -3.39
C TYR A 109 33.62 -14.74 -1.96
N ALA A 110 32.79 -15.64 -1.42
CA ALA A 110 33.04 -16.15 -0.08
C ALA A 110 34.41 -16.87 -0.14
N ILE A 111 34.65 -17.65 -1.19
CA ILE A 111 35.92 -18.35 -1.30
C ILE A 111 37.05 -17.35 -1.38
N GLU A 112 36.85 -16.21 -2.05
CA GLU A 112 37.93 -15.23 -2.09
C GLU A 112 38.22 -14.69 -0.71
N LEU A 113 37.18 -14.46 0.09
CA LEU A 113 37.43 -13.96 1.43
C LEU A 113 38.21 -15.00 2.24
N ILE A 114 37.80 -16.28 2.16
CA ILE A 114 38.49 -17.34 2.89
C ILE A 114 39.99 -17.38 2.53
N ASN A 115 40.30 -17.34 1.24
CA ASN A 115 41.70 -17.37 0.83
C ASN A 115 42.51 -16.21 1.39
N LYS A 116 41.83 -15.12 1.72
CA LYS A 116 42.50 -13.94 2.25
C LYS A 116 42.45 -13.95 3.77
N GLY A 117 41.92 -15.04 4.32
CA GLY A 117 41.82 -15.19 5.77
C GLY A 117 40.81 -14.25 6.39
N LEU A 118 39.87 -13.75 5.60
CA LEU A 118 38.86 -12.83 6.11
C LEU A 118 37.49 -13.49 6.33
N ALA A 119 37.49 -14.82 6.33
CA ALA A 119 36.28 -15.61 6.55
C ALA A 119 36.69 -16.99 7.08
N TYR A 120 35.83 -17.58 7.91
CA TYR A 120 36.12 -18.90 8.48
C TYR A 120 34.84 -19.61 8.82
N VAL A 121 34.89 -20.94 8.90
CA VAL A 121 33.70 -21.69 9.26
C VAL A 121 33.67 -21.77 10.78
N ASP A 122 32.56 -21.33 11.37
CA ASP A 122 32.41 -21.33 12.81
C ASP A 122 31.49 -22.47 13.20
N GLU A 123 31.80 -23.12 14.32
CA GLU A 123 30.99 -24.23 14.77
C GLU A 123 30.27 -23.94 16.08
N LEU A 124 30.34 -22.69 16.50
CA LEU A 124 29.65 -22.26 17.70
C LEU A 124 28.16 -22.43 17.37
N THR A 125 27.41 -23.02 18.30
CA THR A 125 25.97 -23.22 18.06
C THR A 125 25.28 -21.87 17.91
N PRO A 126 24.01 -21.88 17.46
CA PRO A 126 23.27 -20.62 17.30
C PRO A 126 23.10 -19.86 18.62
N GLU A 127 23.20 -20.56 19.72
CA GLU A 127 23.07 -19.91 21.02
C GLU A 127 24.40 -19.30 21.44
N GLN A 128 25.47 -20.09 21.31
CA GLN A 128 26.80 -19.64 21.69
C GLN A 128 27.24 -18.43 20.90
N ILE A 129 26.79 -18.33 19.66
CA ILE A 129 27.19 -17.18 18.85
C ILE A 129 26.63 -15.90 19.47
N ARG A 130 25.42 -15.98 20.01
CA ARG A 130 24.83 -14.81 20.62
C ARG A 130 25.57 -14.50 21.93
N GLU A 131 25.98 -15.54 22.64
CA GLU A 131 26.71 -15.36 23.89
C GLU A 131 28.10 -14.77 23.64
N TYR A 132 28.74 -15.18 22.56
CA TYR A 132 30.08 -14.66 22.25
C TYR A 132 30.00 -13.28 21.59
N ARG A 133 28.82 -12.88 21.14
CA ARG A 133 28.72 -11.59 20.46
C ARG A 133 28.94 -10.39 21.35
N GLY A 134 28.62 -10.52 22.64
CA GLY A 134 28.76 -9.42 23.56
C GLY A 134 27.41 -8.73 23.66
N THR A 135 27.40 -7.45 24.01
CA THR A 135 26.14 -6.71 24.10
C THR A 135 26.33 -5.31 23.55
N LEU A 136 25.34 -4.46 23.75
CA LEU A 136 25.44 -3.09 23.28
C LEU A 136 26.55 -2.38 24.04
N THR A 137 26.77 -2.76 25.29
CA THR A 137 27.81 -2.11 26.10
C THR A 137 29.06 -2.94 26.35
N GLN A 138 28.95 -4.26 26.21
CA GLN A 138 30.11 -5.14 26.43
C GLN A 138 30.58 -5.71 25.11
N PRO A 139 31.90 -5.65 24.86
CA PRO A 139 32.49 -6.18 23.63
C PRO A 139 32.37 -7.69 23.55
N GLY A 140 32.32 -8.23 22.34
CA GLY A 140 32.21 -9.67 22.17
C GLY A 140 33.58 -10.32 22.23
N LYS A 141 33.62 -11.64 22.19
CA LYS A 141 34.87 -12.38 22.26
C LYS A 141 35.07 -13.31 21.06
N ASN A 142 36.32 -13.53 20.69
CA ASN A 142 36.66 -14.38 19.57
C ASN A 142 36.26 -15.84 19.74
N SER A 143 35.73 -16.41 18.66
CA SER A 143 35.33 -17.81 18.64
C SER A 143 36.59 -18.68 18.68
N PRO A 144 36.50 -19.87 19.30
CA PRO A 144 37.65 -20.76 19.38
C PRO A 144 38.01 -21.36 18.00
N TYR A 145 37.10 -21.18 17.04
CA TYR A 145 37.32 -21.69 15.68
C TYR A 145 37.85 -20.59 14.79
N ARG A 146 37.82 -19.36 15.28
CA ARG A 146 38.23 -18.20 14.49
C ARG A 146 39.56 -18.29 13.78
N ASP A 147 40.48 -19.09 14.31
CA ASP A 147 41.80 -19.19 13.72
C ASP A 147 42.11 -20.30 12.77
N ARG A 148 41.11 -21.08 12.39
CA ARG A 148 41.33 -22.18 11.45
C ARG A 148 42.17 -21.67 10.28
N SER A 149 42.81 -22.59 9.59
CA SER A 149 43.64 -22.23 8.44
C SER A 149 42.80 -22.13 7.18
N VAL A 150 43.30 -21.39 6.20
CA VAL A 150 42.62 -21.21 4.92
C VAL A 150 42.16 -22.57 4.39
N GLU A 151 43.10 -23.51 4.30
CA GLU A 151 42.84 -24.86 3.80
C GLU A 151 41.69 -25.54 4.52
N GLU A 152 41.68 -25.46 5.84
CA GLU A 152 40.62 -26.08 6.60
C GLU A 152 39.28 -25.37 6.42
N ASN A 153 39.31 -24.04 6.35
CA ASN A 153 38.08 -23.28 6.15
C ASN A 153 37.53 -23.64 4.76
N LEU A 154 38.45 -23.82 3.81
CA LEU A 154 38.08 -24.17 2.45
C LEU A 154 37.37 -25.52 2.44
N ALA A 155 37.99 -26.51 3.09
CA ALA A 155 37.41 -27.85 3.15
C ALA A 155 36.08 -27.86 3.89
N LEU A 156 36.02 -27.14 5.01
CA LEU A 156 34.80 -27.08 5.82
C LEU A 156 33.65 -26.34 5.13
N PHE A 157 33.95 -25.29 4.38
CA PHE A 157 32.90 -24.55 3.67
C PHE A 157 32.32 -25.44 2.56
N GLU A 158 33.18 -26.19 1.87
CA GLU A 158 32.74 -27.08 0.82
C GLU A 158 31.85 -28.17 1.42
N LYS A 159 32.14 -28.52 2.68
CA LYS A 159 31.32 -29.53 3.33
C LYS A 159 29.95 -28.93 3.60
N MET A 160 29.93 -27.69 4.09
CA MET A 160 28.66 -27.02 4.34
C MET A 160 27.84 -27.10 3.06
N ARG A 161 28.44 -26.68 1.95
CA ARG A 161 27.74 -26.68 0.68
C ARG A 161 27.28 -28.06 0.23
N ALA A 162 28.09 -29.09 0.47
CA ALA A 162 27.72 -30.44 0.06
C ALA A 162 26.69 -31.07 0.98
N GLY A 163 26.27 -30.32 2.00
CA GLY A 163 25.26 -30.82 2.92
C GLY A 163 25.76 -31.74 4.02
N GLY A 164 27.05 -31.69 4.30
CA GLY A 164 27.61 -32.53 5.34
C GLY A 164 27.35 -32.06 6.76
N PHE A 165 26.78 -30.87 6.91
CA PHE A 165 26.50 -30.31 8.22
C PHE A 165 25.00 -30.10 8.38
N GLU A 166 24.46 -30.42 9.54
CA GLU A 166 23.04 -30.22 9.78
C GLU A 166 22.86 -28.73 10.01
N GLU A 167 21.65 -28.23 9.84
CA GLU A 167 21.40 -26.81 10.01
C GLU A 167 21.95 -26.34 11.35
N GLY A 168 22.52 -25.13 11.36
CA GLY A 168 23.05 -24.58 12.59
C GLY A 168 24.27 -25.26 13.18
N LYS A 169 24.72 -26.36 12.59
CA LYS A 169 25.89 -27.04 13.11
C LYS A 169 27.15 -26.33 12.64
N ALA A 170 26.99 -25.43 11.68
CA ALA A 170 28.13 -24.67 11.15
C ALA A 170 27.66 -23.49 10.28
N CYS A 171 28.53 -22.48 10.12
CA CYS A 171 28.20 -21.32 9.29
C CYS A 171 29.48 -20.63 8.87
N LEU A 172 29.40 -19.76 7.86
CA LEU A 172 30.59 -19.04 7.41
C LEU A 172 30.45 -17.63 7.94
N ARG A 173 31.49 -17.18 8.64
CA ARG A 173 31.52 -15.85 9.25
C ARG A 173 32.65 -15.01 8.70
N ALA A 174 32.46 -13.70 8.70
CA ALA A 174 33.51 -12.81 8.23
C ALA A 174 34.43 -12.59 9.43
N LYS A 175 35.72 -12.44 9.18
CA LYS A 175 36.66 -12.22 10.26
C LYS A 175 36.96 -10.72 10.33
N ILE A 176 36.20 -10.03 11.17
CA ILE A 176 36.38 -8.59 11.30
C ILE A 176 36.91 -8.20 12.69
N ASP A 177 36.04 -7.70 13.58
CA ASP A 177 36.47 -7.27 14.91
C ASP A 177 35.40 -7.55 15.96
N MET A 178 35.63 -8.51 16.87
CA MET A 178 34.61 -8.81 17.87
C MET A 178 34.40 -7.72 18.91
N ALA A 179 35.26 -6.71 18.93
CA ALA A 179 35.09 -5.62 19.90
C ALA A 179 34.65 -4.33 19.23
N SER A 180 34.22 -4.44 17.98
CA SER A 180 33.76 -3.27 17.24
C SER A 180 32.55 -2.68 17.93
N PRO A 181 32.45 -1.35 17.97
CA PRO A 181 31.28 -0.76 18.62
C PRO A 181 30.03 -1.01 17.76
N PHE A 182 30.26 -1.35 16.48
CA PHE A 182 29.17 -1.67 15.55
C PHE A 182 28.89 -3.15 15.74
N ILE A 183 27.71 -3.49 16.22
CA ILE A 183 27.43 -4.90 16.45
C ILE A 183 27.46 -5.71 15.16
N VAL A 184 27.04 -5.10 14.07
CA VAL A 184 27.02 -5.81 12.79
C VAL A 184 28.42 -6.21 12.31
N MET A 185 29.47 -5.62 12.89
CA MET A 185 30.85 -5.91 12.50
C MET A 185 31.53 -6.95 13.39
N ARG A 186 30.77 -7.55 14.30
CA ARG A 186 31.35 -8.56 15.18
C ARG A 186 31.28 -9.91 14.48
N ASP A 187 32.09 -10.07 13.43
CA ASP A 187 32.11 -11.32 12.67
C ASP A 187 30.72 -11.70 12.15
N PRO A 188 30.14 -10.88 11.28
CA PRO A 188 28.79 -11.21 10.77
C PRO A 188 28.74 -12.54 10.01
N VAL A 189 27.69 -13.30 10.22
CA VAL A 189 27.53 -14.55 9.49
C VAL A 189 27.38 -14.18 8.02
N LEU A 190 28.07 -14.91 7.15
CA LEU A 190 28.03 -14.68 5.72
C LEU A 190 27.12 -15.72 5.06
N TYR A 191 27.22 -16.97 5.51
CA TYR A 191 26.41 -18.07 4.97
C TYR A 191 25.86 -18.95 6.09
N ARG A 192 24.63 -19.41 5.95
CA ARG A 192 24.01 -20.30 6.92
C ARG A 192 23.33 -21.45 6.19
N ILE A 193 23.28 -22.61 6.85
CA ILE A 193 22.70 -23.81 6.26
C ILE A 193 21.20 -23.94 6.39
N LYS A 194 20.55 -24.21 5.27
CA LYS A 194 19.10 -24.39 5.26
C LYS A 194 18.77 -25.41 4.18
N PHE A 195 18.25 -26.55 4.62
CA PHE A 195 17.84 -27.59 3.68
C PHE A 195 16.41 -27.24 3.33
N ALA A 196 16.26 -26.21 2.54
CA ALA A 196 14.94 -25.76 2.14
C ALA A 196 14.91 -25.43 0.67
N GLU A 197 13.78 -25.73 0.05
CA GLU A 197 13.61 -25.50 -1.37
C GLU A 197 13.46 -24.02 -1.65
N HIS A 198 14.22 -23.56 -2.63
CA HIS A 198 14.21 -22.16 -3.04
C HIS A 198 13.27 -22.02 -4.24
N HIS A 199 12.45 -20.97 -4.26
CA HIS A 199 11.50 -20.75 -5.35
C HIS A 199 12.13 -20.43 -6.72
N GLN A 200 13.45 -20.25 -6.75
CA GLN A 200 14.12 -19.98 -8.02
C GLN A 200 15.16 -21.05 -8.30
N THR A 201 15.95 -21.39 -7.29
CA THR A 201 17.01 -22.39 -7.47
C THR A 201 16.65 -23.80 -7.01
N GLY A 202 15.39 -24.04 -6.66
CA GLY A 202 14.99 -25.36 -6.23
C GLY A 202 15.81 -25.88 -5.06
N ASN A 203 16.43 -27.04 -5.24
CA ASN A 203 17.23 -27.66 -4.19
C ASN A 203 18.70 -27.80 -4.58
N LYS A 204 19.18 -26.88 -5.41
CA LYS A 204 20.57 -26.89 -5.82
C LYS A 204 21.43 -26.44 -4.62
N TRP A 205 20.87 -25.56 -3.80
CA TRP A 205 21.63 -25.06 -2.66
C TRP A 205 21.05 -25.43 -1.32
N CYS A 206 21.95 -25.76 -0.39
CA CYS A 206 21.51 -26.05 0.96
C CYS A 206 22.21 -25.04 1.88
N ILE A 207 22.98 -24.13 1.28
CA ILE A 207 23.58 -23.01 2.02
C ILE A 207 23.13 -21.72 1.33
N TYR A 208 22.76 -20.72 2.13
CA TYR A 208 22.31 -19.46 1.56
C TYR A 208 23.03 -18.23 2.12
N PRO A 209 23.32 -17.25 1.25
CA PRO A 209 24.03 -16.04 1.68
C PRO A 209 23.13 -15.11 2.47
N MET A 210 23.71 -14.44 3.46
CA MET A 210 22.99 -13.50 4.31
C MET A 210 22.82 -12.16 3.58
N TYR A 211 21.86 -11.36 4.04
CA TYR A 211 21.59 -10.07 3.43
C TYR A 211 22.80 -9.15 3.24
N ASP A 212 23.57 -8.91 4.31
CA ASP A 212 24.69 -7.98 4.20
C ASP A 212 25.75 -8.42 3.19
N PHE A 213 25.93 -9.72 3.04
CA PHE A 213 26.91 -10.22 2.10
C PHE A 213 26.35 -10.06 0.69
N THR A 214 25.10 -10.46 0.53
CA THR A 214 24.40 -10.42 -0.75
C THR A 214 24.08 -9.07 -1.36
N HIS A 215 23.57 -8.16 -0.55
CA HIS A 215 23.13 -6.87 -1.09
C HIS A 215 24.17 -5.97 -1.76
N CYS A 216 25.32 -5.81 -1.12
CA CYS A 216 26.35 -4.97 -1.68
C CYS A 216 26.95 -5.56 -2.95
N ILE A 217 27.14 -6.87 -2.96
CA ILE A 217 27.73 -7.53 -4.12
C ILE A 217 26.76 -7.48 -5.30
N SER A 218 25.47 -7.69 -5.03
CA SER A 218 24.44 -7.64 -6.09
C SER A 218 24.39 -6.24 -6.70
N ASP A 219 24.38 -5.20 -5.87
CA ASP A 219 24.39 -3.83 -6.38
C ASP A 219 25.63 -3.64 -7.27
N ALA A 220 26.78 -4.02 -6.72
CA ALA A 220 28.03 -3.90 -7.44
C ALA A 220 27.97 -4.57 -8.81
N LEU A 221 27.64 -5.86 -8.83
CA LEU A 221 27.56 -6.59 -10.08
C LEU A 221 26.61 -5.93 -11.07
N GLU A 222 25.51 -5.37 -10.58
CA GLU A 222 24.54 -4.74 -11.45
C GLU A 222 24.89 -3.30 -11.86
N GLY A 223 25.97 -2.76 -11.32
CA GLY A 223 26.37 -1.42 -11.71
C GLY A 223 25.61 -0.32 -11.01
N ILE A 224 24.97 -0.65 -9.89
CA ILE A 224 24.22 0.33 -9.12
C ILE A 224 25.18 1.47 -8.73
N THR A 225 24.69 2.71 -8.81
CA THR A 225 25.51 3.86 -8.44
C THR A 225 25.10 4.39 -7.07
N HIS A 226 23.80 4.38 -6.79
CA HIS A 226 23.27 4.85 -5.50
C HIS A 226 22.29 3.84 -4.95
N SER A 227 22.69 3.18 -3.87
CA SER A 227 21.89 2.15 -3.23
C SER A 227 21.05 2.82 -2.16
N LEU A 228 19.74 2.90 -2.42
CA LEU A 228 18.82 3.57 -1.49
C LEU A 228 17.97 2.66 -0.61
N CYS A 229 18.13 2.80 0.70
CA CYS A 229 17.36 2.01 1.64
C CYS A 229 16.97 2.85 2.87
N THR A 230 16.37 2.20 3.87
CA THR A 230 15.91 2.93 5.03
C THR A 230 16.92 3.03 6.15
N LEU A 231 16.60 3.91 7.08
CA LEU A 231 17.43 4.20 8.23
C LEU A 231 17.92 3.03 9.05
N GLU A 232 17.16 1.94 9.16
CA GLU A 232 17.63 0.84 10.00
C GLU A 232 18.86 0.13 9.48
N PHE A 233 19.33 0.51 8.28
CA PHE A 233 20.52 -0.11 7.70
C PHE A 233 21.77 0.78 7.76
N GLN A 234 21.66 1.92 8.43
CA GLN A 234 22.82 2.80 8.54
C GLN A 234 24.03 2.08 9.12
N ASP A 235 23.85 1.26 10.15
CA ASP A 235 24.99 0.53 10.72
C ASP A 235 25.52 -0.42 9.66
N ASN A 236 24.60 -1.15 9.04
CA ASN A 236 24.94 -2.12 8.01
C ASN A 236 25.83 -1.57 6.91
N ARG A 237 25.77 -0.26 6.68
CA ARG A 237 26.59 0.37 5.65
C ARG A 237 28.07 0.11 5.89
N ARG A 238 28.46 -0.06 7.16
CA ARG A 238 29.87 -0.30 7.44
C ARG A 238 30.30 -1.68 6.98
N LEU A 239 29.34 -2.62 6.97
CA LEU A 239 29.61 -3.99 6.55
C LEU A 239 29.49 -4.06 5.03
N TYR A 240 28.63 -3.19 4.50
CA TYR A 240 28.38 -3.07 3.07
C TYR A 240 29.70 -2.65 2.42
N ASP A 241 30.35 -1.66 3.02
CA ASP A 241 31.62 -1.15 2.50
C ASP A 241 32.77 -2.13 2.76
N TRP A 242 32.74 -2.78 3.92
CA TRP A 242 33.81 -3.72 4.25
C TRP A 242 33.84 -4.83 3.22
N VAL A 243 32.67 -5.37 2.86
CA VAL A 243 32.61 -6.45 1.89
C VAL A 243 33.16 -6.02 0.52
N LEU A 244 32.74 -4.86 0.03
CA LEU A 244 33.20 -4.40 -1.27
C LEU A 244 34.66 -3.96 -1.27
N ASP A 245 35.16 -3.57 -0.09
CA ASP A 245 36.55 -3.14 0.02
C ASP A 245 37.47 -4.35 0.07
N ASN A 246 36.94 -5.50 0.44
CA ASN A 246 37.77 -6.68 0.56
C ASN A 246 37.66 -7.80 -0.47
N ILE A 247 36.96 -7.54 -1.57
CA ILE A 247 36.85 -8.55 -2.62
C ILE A 247 37.27 -7.91 -3.92
N THR A 248 37.52 -8.73 -4.94
CA THR A 248 37.94 -8.20 -6.23
C THR A 248 36.73 -7.88 -7.07
N ILE A 249 36.35 -6.60 -7.07
CA ILE A 249 35.19 -6.14 -7.82
C ILE A 249 35.50 -4.69 -8.25
N PRO A 250 35.22 -4.35 -9.52
CA PRO A 250 35.47 -3.05 -10.12
C PRO A 250 34.73 -1.79 -9.69
N VAL A 251 33.53 -1.94 -9.12
CA VAL A 251 32.80 -0.74 -8.70
C VAL A 251 32.45 -0.79 -7.22
N HIS A 252 32.10 0.35 -6.65
CA HIS A 252 31.76 0.39 -5.24
C HIS A 252 30.56 1.31 -5.04
N PRO A 253 29.34 0.79 -5.24
CA PRO A 253 28.13 1.61 -5.08
C PRO A 253 28.09 2.16 -3.67
N ARG A 254 27.46 3.31 -3.49
CA ARG A 254 27.36 3.91 -2.16
C ARG A 254 25.92 3.90 -1.72
N GLN A 255 25.72 3.58 -0.43
CA GLN A 255 24.40 3.49 0.16
C GLN A 255 24.05 4.81 0.85
N TYR A 256 22.78 5.18 0.76
CA TYR A 256 22.26 6.38 1.37
C TYR A 256 20.93 5.96 1.93
N GLU A 257 20.71 6.27 3.19
CA GLU A 257 19.49 5.88 3.89
C GLU A 257 18.53 7.03 4.20
N PHE A 258 17.25 6.76 3.97
CA PHE A 258 16.20 7.72 4.23
C PHE A 258 15.20 7.06 5.19
N SER A 259 14.37 7.86 5.86
CA SER A 259 13.41 7.36 6.83
C SER A 259 12.23 6.63 6.21
N ARG A 260 11.77 5.58 6.89
CA ARG A 260 10.64 4.76 6.44
C ARG A 260 9.33 5.54 6.57
N LEU A 261 8.34 5.20 5.74
CA LEU A 261 7.04 5.84 5.83
C LEU A 261 6.26 5.06 6.89
N ASN A 262 5.52 5.77 7.73
CA ASN A 262 4.67 5.18 8.75
C ASN A 262 3.38 5.93 8.55
N LEU A 263 2.26 5.23 8.63
CA LEU A 263 0.97 5.87 8.43
C LEU A 263 0.12 5.71 9.68
N GLU A 264 -0.55 6.78 10.09
CA GLU A 264 -1.39 6.72 11.28
C GLU A 264 -2.56 5.75 11.09
N TYR A 265 -2.90 5.06 12.18
CA TYR A 265 -4.00 4.10 12.20
C TYR A 265 -3.82 2.83 11.37
N THR A 266 -2.57 2.47 11.09
CA THR A 266 -2.29 1.26 10.33
C THR A 266 -0.89 0.74 10.61
N VAL A 267 -0.65 -0.53 10.29
CA VAL A 267 0.65 -1.15 10.50
C VAL A 267 1.29 -1.31 9.14
N MET A 268 2.62 -1.15 9.09
CA MET A 268 3.39 -1.22 7.85
C MET A 268 4.40 -2.37 7.85
N SER A 269 4.43 -3.11 8.95
CA SER A 269 5.33 -4.25 9.11
C SER A 269 4.76 -5.41 8.30
N LYS A 270 5.60 -6.06 7.49
CA LYS A 270 5.10 -7.16 6.68
C LYS A 270 4.62 -8.31 7.58
N ARG A 271 5.34 -8.56 8.66
CA ARG A 271 4.98 -9.61 9.60
C ARG A 271 3.59 -9.39 10.19
N LYS A 272 3.28 -8.16 10.58
CA LYS A 272 1.98 -7.83 11.16
C LYS A 272 0.85 -7.84 10.11
N LEU A 273 1.18 -7.51 8.87
CA LEU A 273 0.18 -7.52 7.81
C LEU A 273 -0.09 -8.98 7.48
N ASN A 274 0.97 -9.78 7.53
CA ASN A 274 0.84 -11.20 7.24
C ASN A 274 -0.04 -11.82 8.30
N LEU A 275 0.16 -11.42 9.56
CA LEU A 275 -0.65 -11.95 10.64
C LEU A 275 -2.13 -11.66 10.40
N LEU A 276 -2.45 -10.42 10.03
CA LEU A 276 -3.83 -10.08 9.77
C LEU A 276 -4.44 -11.03 8.72
N VAL A 277 -3.66 -11.36 7.68
CA VAL A 277 -4.11 -12.25 6.60
C VAL A 277 -4.17 -13.70 7.05
N THR A 278 -3.11 -14.16 7.71
CA THR A 278 -3.06 -15.52 8.20
C THR A 278 -4.22 -15.82 9.18
N ASP A 279 -4.46 -14.92 10.13
CA ASP A 279 -5.54 -15.12 11.09
C ASP A 279 -6.93 -14.77 10.56
N LYS A 280 -7.01 -14.41 9.28
CA LYS A 280 -8.29 -14.09 8.65
C LYS A 280 -9.05 -12.89 9.23
N HIS A 281 -8.33 -11.90 9.73
CA HIS A 281 -8.99 -10.70 10.25
C HIS A 281 -9.29 -9.73 9.11
N VAL A 282 -8.81 -10.04 7.91
CA VAL A 282 -9.08 -9.26 6.70
C VAL A 282 -9.32 -10.31 5.63
N GLU A 283 -10.05 -9.97 4.58
CA GLU A 283 -10.34 -10.93 3.51
C GLU A 283 -9.10 -11.48 2.83
N GLY A 284 -8.01 -10.71 2.84
CA GLY A 284 -6.78 -11.17 2.22
C GLY A 284 -5.76 -10.03 2.11
N TRP A 285 -4.61 -10.30 1.51
CA TRP A 285 -3.59 -9.25 1.37
C TRP A 285 -4.18 -7.99 0.71
N ASP A 286 -5.12 -8.17 -0.20
CA ASP A 286 -5.72 -7.04 -0.89
C ASP A 286 -7.08 -6.61 -0.33
N ASP A 287 -7.31 -6.84 0.96
CA ASP A 287 -8.56 -6.41 1.58
C ASP A 287 -8.48 -4.89 1.47
N PRO A 288 -9.59 -4.23 1.10
CA PRO A 288 -9.69 -2.78 0.94
C PRO A 288 -9.25 -1.90 2.11
N ARG A 289 -9.05 -2.51 3.28
CA ARG A 289 -8.64 -1.77 4.48
C ARG A 289 -7.14 -1.89 4.76
N MET A 290 -6.45 -2.66 3.94
CA MET A 290 -5.03 -2.90 4.11
C MET A 290 -4.19 -1.80 3.47
N PRO A 291 -3.03 -1.48 4.06
CA PRO A 291 -2.20 -0.42 3.48
C PRO A 291 -1.39 -0.96 2.29
N THR A 292 -1.71 -2.17 1.84
CA THR A 292 -0.99 -2.77 0.72
C THR A 292 -1.39 -2.09 -0.58
N ILE A 293 -0.51 -2.12 -1.57
CA ILE A 293 -0.80 -1.49 -2.86
C ILE A 293 -2.07 -2.13 -3.43
N SER A 294 -2.09 -3.45 -3.52
CA SER A 294 -3.26 -4.14 -4.05
C SER A 294 -4.50 -3.76 -3.23
N GLY A 295 -4.33 -3.59 -1.93
CA GLY A 295 -5.44 -3.23 -1.06
C GLY A 295 -5.97 -1.83 -1.35
N LEU A 296 -5.06 -0.86 -1.57
CA LEU A 296 -5.49 0.51 -1.88
C LEU A 296 -6.15 0.50 -3.26
N ARG A 297 -5.69 -0.39 -4.15
CA ARG A 297 -6.24 -0.48 -5.50
C ARG A 297 -7.70 -0.92 -5.47
N ARG A 298 -7.97 -1.95 -4.67
CA ARG A 298 -9.32 -2.47 -4.55
C ARG A 298 -10.18 -1.40 -3.89
N ARG A 299 -9.60 -0.71 -2.92
CA ARG A 299 -10.27 0.36 -2.19
C ARG A 299 -10.68 1.51 -3.12
N GLY A 300 -10.07 1.57 -4.30
CA GLY A 300 -10.39 2.63 -5.25
C GLY A 300 -9.31 3.70 -5.47
N TYR A 301 -8.14 3.53 -4.85
CA TYR A 301 -7.07 4.49 -5.03
C TYR A 301 -6.47 4.36 -6.43
N THR A 302 -6.09 5.49 -7.04
CA THR A 302 -5.49 5.43 -8.36
C THR A 302 -3.98 5.43 -8.22
N ALA A 303 -3.31 4.83 -9.19
CA ALA A 303 -1.86 4.77 -9.16
C ALA A 303 -1.32 6.18 -9.15
N ALA A 304 -2.00 7.09 -9.82
CA ALA A 304 -1.54 8.48 -9.86
C ALA A 304 -1.65 9.16 -8.51
N SER A 305 -2.65 8.79 -7.70
CA SER A 305 -2.80 9.43 -6.40
C SER A 305 -1.76 8.92 -5.42
N ILE A 306 -1.27 7.70 -5.63
CA ILE A 306 -0.25 7.17 -4.74
C ILE A 306 1.09 7.83 -5.06
N ARG A 307 1.37 8.04 -6.34
CA ARG A 307 2.60 8.69 -6.74
C ARG A 307 2.60 10.13 -6.25
N GLU A 308 1.45 10.78 -6.31
CA GLU A 308 1.35 12.16 -5.86
C GLU A 308 1.66 12.21 -4.36
N PHE A 309 1.09 11.26 -3.61
CA PHE A 309 1.32 11.19 -2.16
C PHE A 309 2.81 11.04 -1.87
N CYS A 310 3.44 10.05 -2.49
CA CYS A 310 4.86 9.81 -2.28
C CYS A 310 5.65 11.07 -2.57
N LYS A 311 5.25 11.81 -3.59
CA LYS A 311 5.93 13.06 -3.94
C LYS A 311 5.81 14.11 -2.84
N ARG A 312 4.62 14.22 -2.25
CA ARG A 312 4.32 15.18 -1.20
C ARG A 312 4.99 14.93 0.14
N ILE A 313 5.06 13.68 0.58
CA ILE A 313 5.66 13.40 1.89
C ILE A 313 7.15 13.67 1.94
N GLY A 314 7.78 13.78 0.77
CA GLY A 314 9.22 14.05 0.74
C GLY A 314 10.10 12.89 1.13
N VAL A 315 11.41 13.13 1.13
CA VAL A 315 12.39 12.11 1.47
C VAL A 315 13.50 12.73 2.34
N THR A 316 13.55 12.34 3.61
CA THR A 316 14.54 12.87 4.55
C THR A 316 15.09 11.77 5.45
N LYS A 317 15.76 12.15 6.53
CA LYS A 317 16.29 11.18 7.48
C LYS A 317 15.58 11.27 8.83
N GLN A 318 14.47 11.99 8.84
CA GLN A 318 13.68 12.18 10.06
C GLN A 318 12.51 11.21 10.22
N ASP A 319 12.46 10.51 11.36
CA ASP A 319 11.35 9.59 11.56
C ASP A 319 10.04 10.35 11.48
N ASN A 320 9.02 9.71 10.94
CA ASN A 320 7.74 10.35 10.76
C ASN A 320 6.61 9.35 10.71
N THR A 321 5.40 9.88 10.85
CA THR A 321 4.17 9.11 10.75
C THR A 321 3.22 10.10 10.11
N ILE A 322 2.92 9.88 8.83
CA ILE A 322 2.04 10.77 8.10
C ILE A 322 0.58 10.49 8.50
N GLU A 323 -0.25 11.54 8.50
CA GLU A 323 -1.66 11.40 8.88
C GLU A 323 -2.46 10.85 7.69
N MET A 324 -3.53 10.11 7.97
CA MET A 324 -4.34 9.57 6.88
C MET A 324 -4.89 10.70 6.01
N ALA A 325 -5.26 11.81 6.63
CA ALA A 325 -5.82 12.94 5.89
C ALA A 325 -4.95 13.32 4.69
N SER A 326 -3.64 13.23 4.86
CA SER A 326 -2.72 13.57 3.77
C SER A 326 -2.89 12.62 2.58
N LEU A 327 -3.06 11.33 2.86
CA LEU A 327 -3.25 10.33 1.80
C LEU A 327 -4.61 10.57 1.13
N GLU A 328 -5.65 10.65 1.98
CA GLU A 328 -7.01 10.86 1.49
C GLU A 328 -7.09 12.13 0.67
N SER A 329 -6.33 13.13 1.06
CA SER A 329 -6.33 14.36 0.29
C SER A 329 -5.91 14.09 -1.15
N CYS A 330 -4.92 13.20 -1.33
CA CYS A 330 -4.45 12.90 -2.67
C CYS A 330 -5.48 12.19 -3.54
N ILE A 331 -6.23 11.25 -2.97
CA ILE A 331 -7.24 10.55 -3.77
C ILE A 331 -8.45 11.44 -4.07
N ARG A 332 -8.80 12.34 -3.14
CA ARG A 332 -9.93 13.25 -3.36
C ARG A 332 -9.63 14.17 -4.55
N GLU A 333 -8.47 14.82 -4.50
CA GLU A 333 -8.05 15.74 -5.53
C GLU A 333 -8.11 15.08 -6.92
N ASP A 334 -7.60 13.85 -7.00
CA ASP A 334 -7.61 13.12 -8.27
C ASP A 334 -9.05 12.84 -8.69
N LEU A 335 -9.73 11.99 -7.91
CA LEU A 335 -11.12 11.63 -8.19
C LEU A 335 -12.08 12.80 -8.37
N ASN A 336 -11.85 13.90 -7.65
CA ASN A 336 -12.71 15.06 -7.76
C ASN A 336 -12.68 15.58 -9.20
N GLU A 337 -11.51 15.49 -9.82
CA GLU A 337 -11.33 15.95 -11.19
C GLU A 337 -11.75 14.97 -12.28
N ASN A 338 -11.53 13.68 -12.08
CA ASN A 338 -11.85 12.70 -13.12
C ASN A 338 -13.02 11.77 -12.89
N ALA A 339 -13.42 11.54 -11.64
CA ALA A 339 -14.52 10.64 -11.38
C ALA A 339 -15.88 11.19 -11.79
N PRO A 340 -16.59 10.46 -12.67
CA PRO A 340 -17.91 10.93 -13.10
C PRO A 340 -18.91 10.77 -11.95
N ARG A 341 -19.85 11.70 -11.83
CA ARG A 341 -20.84 11.65 -10.76
C ARG A 341 -21.99 10.71 -11.05
N ALA A 342 -22.62 10.20 -10.00
CA ALA A 342 -23.75 9.31 -10.12
C ALA A 342 -24.61 9.45 -8.88
N MET A 343 -25.80 8.85 -8.91
CA MET A 343 -26.72 8.94 -7.80
C MET A 343 -26.89 7.62 -7.07
N ALA A 344 -26.78 7.67 -5.75
CA ALA A 344 -26.96 6.48 -4.96
C ALA A 344 -27.40 6.90 -3.57
N VAL A 345 -28.11 6.00 -2.90
CA VAL A 345 -28.61 6.26 -1.56
C VAL A 345 -28.22 5.08 -0.68
N ILE A 346 -27.43 5.37 0.34
CA ILE A 346 -26.95 4.34 1.25
C ILE A 346 -27.96 3.96 2.32
N ASP A 347 -28.63 4.97 2.87
CA ASP A 347 -29.63 4.76 3.91
C ASP A 347 -30.96 5.25 3.33
N PRO A 348 -31.62 4.39 2.53
CA PRO A 348 -32.88 4.67 1.86
C PRO A 348 -34.17 4.70 2.69
N VAL A 349 -35.02 5.69 2.38
CA VAL A 349 -36.31 5.84 3.02
C VAL A 349 -37.26 6.21 1.88
N LYS A 350 -38.38 5.50 1.79
CA LYS A 350 -39.34 5.74 0.72
C LYS A 350 -40.05 7.08 0.79
N LEU A 351 -39.99 7.82 -0.31
CA LEU A 351 -40.64 9.11 -0.41
C LEU A 351 -41.66 9.03 -1.55
N VAL A 352 -42.86 9.56 -1.32
CA VAL A 352 -43.93 9.54 -2.33
C VAL A 352 -44.45 10.93 -2.65
N ILE A 353 -44.34 11.33 -3.92
CA ILE A 353 -44.85 12.63 -4.33
C ILE A 353 -46.28 12.38 -4.77
N GLU A 354 -47.24 12.80 -3.95
CA GLU A 354 -48.65 12.60 -4.26
C GLU A 354 -49.11 13.47 -5.43
N ASN A 355 -48.45 14.62 -5.61
CA ASN A 355 -48.80 15.52 -6.69
C ASN A 355 -48.27 15.02 -8.05
N TYR A 356 -47.62 13.86 -8.08
CA TYR A 356 -47.07 13.30 -9.32
C TYR A 356 -47.95 12.22 -9.93
N GLN A 357 -48.35 12.42 -11.18
CA GLN A 357 -49.18 11.43 -11.88
C GLN A 357 -48.37 10.76 -12.99
N GLY A 358 -48.55 9.45 -13.13
CA GLY A 358 -47.82 8.70 -14.15
C GLY A 358 -46.80 7.75 -13.55
N GLU A 359 -46.14 6.96 -14.40
CA GLU A 359 -45.15 6.01 -13.93
C GLU A 359 -43.75 6.59 -13.87
N GLY A 360 -43.53 7.70 -14.59
CA GLY A 360 -42.23 8.32 -14.58
C GLY A 360 -41.85 9.08 -15.82
N GLU A 361 -40.63 9.61 -15.82
CA GLU A 361 -40.09 10.38 -16.93
C GLU A 361 -38.57 10.29 -16.91
N MET A 362 -37.92 10.94 -17.87
CA MET A 362 -36.46 10.92 -17.94
C MET A 362 -35.91 12.33 -17.75
N VAL A 363 -34.93 12.47 -16.87
CA VAL A 363 -34.31 13.76 -16.58
C VAL A 363 -32.82 13.73 -16.96
N THR A 364 -32.28 14.88 -17.35
CA THR A 364 -30.87 14.99 -17.75
C THR A 364 -29.96 15.24 -16.56
N MET A 365 -28.87 14.50 -16.48
CA MET A 365 -27.91 14.66 -15.40
C MET A 365 -26.48 14.68 -15.97
N PRO A 366 -25.73 15.76 -15.72
CA PRO A 366 -24.35 15.90 -16.21
C PRO A 366 -23.44 14.82 -15.62
N ASN A 367 -22.34 14.52 -16.31
CA ASN A 367 -21.41 13.53 -15.80
C ASN A 367 -20.39 14.18 -14.87
N HIS A 368 -20.38 15.51 -14.86
CA HIS A 368 -19.49 16.26 -13.97
C HIS A 368 -19.88 17.74 -13.92
N PRO A 369 -20.65 18.13 -12.88
CA PRO A 369 -21.12 19.49 -12.65
C PRO A 369 -20.17 20.62 -13.00
N ASN A 370 -18.86 20.40 -12.87
CA ASN A 370 -17.89 21.44 -13.18
C ASN A 370 -17.22 21.18 -14.54
N LYS A 371 -17.57 20.06 -15.14
CA LYS A 371 -16.99 19.69 -16.44
C LYS A 371 -18.04 19.18 -17.42
N PRO A 372 -18.52 20.05 -18.32
CA PRO A 372 -19.53 19.62 -19.29
C PRO A 372 -18.93 18.71 -20.37
N GLU A 373 -17.63 18.83 -20.58
CA GLU A 373 -16.94 18.02 -21.60
C GLU A 373 -17.05 16.53 -21.32
N MET A 374 -17.53 16.18 -20.12
CA MET A 374 -17.68 14.78 -19.76
C MET A 374 -19.07 14.29 -20.13
N GLY A 375 -19.83 15.17 -20.77
CA GLY A 375 -21.17 14.81 -21.22
C GLY A 375 -22.24 14.64 -20.16
N SER A 376 -23.41 14.15 -20.59
CA SER A 376 -24.55 13.95 -19.72
C SER A 376 -25.19 12.59 -19.91
N ARG A 377 -26.26 12.33 -19.15
CA ARG A 377 -26.98 11.06 -19.24
C ARG A 377 -28.44 11.18 -18.84
N GLN A 378 -29.22 10.15 -19.17
CA GLN A 378 -30.64 10.13 -18.87
C GLN A 378 -30.94 9.27 -17.64
N VAL A 379 -31.75 9.81 -16.73
CA VAL A 379 -32.12 9.11 -15.50
C VAL A 379 -33.62 9.17 -15.23
N PRO A 380 -34.22 8.06 -14.79
CA PRO A 380 -35.65 7.98 -14.49
C PRO A 380 -36.12 8.67 -13.19
N PHE A 381 -37.23 9.38 -13.29
CA PHE A 381 -37.84 10.09 -12.17
C PHE A 381 -39.28 9.66 -12.00
N SER A 382 -39.69 9.34 -10.77
CA SER A 382 -41.06 8.93 -10.55
C SER A 382 -41.66 9.51 -9.26
N GLY A 383 -42.91 9.16 -8.99
CA GLY A 383 -43.60 9.63 -7.81
C GLY A 383 -43.16 8.88 -6.57
N GLU A 384 -42.31 7.90 -6.76
CA GLU A 384 -41.80 7.12 -5.64
C GLU A 384 -40.29 6.99 -5.79
N ILE A 385 -39.57 7.85 -5.10
CA ILE A 385 -38.12 7.88 -5.16
C ILE A 385 -37.52 7.60 -3.79
N TRP A 386 -36.34 7.00 -3.77
CA TRP A 386 -35.67 6.72 -2.51
C TRP A 386 -34.76 7.89 -2.18
N ILE A 387 -34.65 8.22 -0.90
CA ILE A 387 -33.75 9.28 -0.45
C ILE A 387 -33.09 8.77 0.82
N ASP A 388 -32.14 9.53 1.33
CA ASP A 388 -31.46 9.11 2.54
C ASP A 388 -32.09 9.71 3.80
N ARG A 389 -32.28 8.85 4.80
CA ARG A 389 -32.86 9.24 6.09
C ARG A 389 -32.27 10.55 6.59
N ALA A 390 -30.95 10.60 6.61
CA ALA A 390 -30.22 11.76 7.08
C ALA A 390 -30.61 13.08 6.40
N ASP A 391 -31.27 13.01 5.24
CA ASP A 391 -31.64 14.24 4.56
C ASP A 391 -33.04 14.75 4.89
N PHE A 392 -33.75 14.03 5.75
CA PHE A 392 -35.07 14.45 6.16
C PHE A 392 -35.23 14.50 7.67
N ARG A 393 -35.77 15.62 8.14
CA ARG A 393 -36.02 15.81 9.56
C ARG A 393 -37.28 16.64 9.75
N GLU A 394 -38.18 16.12 10.59
CA GLU A 394 -39.44 16.79 10.87
C GLU A 394 -39.16 18.21 11.37
N GLU A 395 -38.43 18.31 12.49
CA GLU A 395 -38.07 19.58 13.08
C GLU A 395 -36.55 19.80 13.03
N ALA A 396 -36.13 20.86 12.35
CA ALA A 396 -34.70 21.16 12.23
C ALA A 396 -34.41 22.65 12.37
N ASN A 397 -33.26 22.96 12.97
CA ASN A 397 -32.83 24.35 13.19
C ASN A 397 -32.69 25.12 11.88
N LYS A 398 -31.89 26.18 11.90
CA LYS A 398 -31.67 26.99 10.71
C LYS A 398 -30.46 26.44 9.96
N GLN A 399 -29.53 25.85 10.71
CA GLN A 399 -28.33 25.28 10.11
C GLN A 399 -28.68 24.20 9.10
N TYR A 400 -29.65 23.35 9.45
CA TYR A 400 -30.09 22.26 8.58
C TYR A 400 -30.61 22.88 7.28
N LYS A 401 -30.17 22.34 6.15
CA LYS A 401 -30.58 22.88 4.85
C LYS A 401 -31.32 21.87 3.98
N ARG A 402 -31.53 20.67 4.51
CA ARG A 402 -32.23 19.62 3.76
C ARG A 402 -33.75 19.63 3.83
N LEU A 403 -34.36 18.45 3.82
CA LEU A 403 -35.82 18.35 3.85
C LEU A 403 -36.37 18.36 5.28
N VAL A 404 -37.27 19.30 5.52
CA VAL A 404 -37.93 19.48 6.82
C VAL A 404 -39.43 19.25 6.68
N LEU A 405 -40.05 18.70 7.73
CA LEU A 405 -41.49 18.39 7.75
C LEU A 405 -42.42 19.32 6.97
N GLY A 406 -42.15 20.62 6.98
CA GLY A 406 -43.01 21.54 6.25
C GLY A 406 -42.29 22.48 5.31
N LYS A 407 -41.03 22.18 5.01
CA LYS A 407 -40.21 23.00 4.12
C LYS A 407 -40.01 22.33 2.76
N GLU A 408 -39.30 23.00 1.86
CA GLU A 408 -39.02 22.46 0.54
C GLU A 408 -37.55 22.56 0.09
N VAL A 409 -37.08 21.53 -0.61
CA VAL A 409 -35.71 21.49 -1.10
C VAL A 409 -35.62 21.10 -2.57
N ARG A 410 -34.45 21.33 -3.16
CA ARG A 410 -34.20 21.01 -4.56
C ARG A 410 -33.64 19.61 -4.75
N LEU A 411 -34.37 18.76 -5.47
CA LEU A 411 -33.90 17.41 -5.75
C LEU A 411 -32.81 17.55 -6.79
N ARG A 412 -31.71 16.82 -6.64
CA ARG A 412 -30.60 16.91 -7.57
C ARG A 412 -31.05 16.66 -9.00
N ASN A 413 -30.62 17.54 -9.90
CA ASN A 413 -30.95 17.43 -11.32
C ASN A 413 -32.45 17.20 -11.56
N ALA A 414 -33.28 17.61 -10.61
CA ALA A 414 -34.72 17.40 -10.75
C ALA A 414 -35.58 18.57 -10.28
N TYR A 415 -36.71 18.24 -9.66
CA TYR A 415 -37.68 19.22 -9.17
C TYR A 415 -37.55 19.59 -7.69
N VAL A 416 -38.19 20.69 -7.33
CA VAL A 416 -38.21 21.20 -5.97
C VAL A 416 -39.42 20.65 -5.23
N ILE A 417 -39.24 19.56 -4.48
CA ILE A 417 -40.35 18.99 -3.74
C ILE A 417 -40.69 19.81 -2.50
N LYS A 418 -41.51 19.24 -1.62
CA LYS A 418 -41.93 19.93 -0.41
C LYS A 418 -42.67 18.96 0.51
N ALA A 419 -42.07 18.68 1.66
CA ALA A 419 -42.64 17.76 2.62
C ALA A 419 -44.06 18.18 3.01
N GLU A 420 -44.86 17.22 3.48
CA GLU A 420 -46.23 17.52 3.87
C GLU A 420 -46.73 16.59 4.96
N ARG A 421 -46.12 15.41 5.08
CA ARG A 421 -46.54 14.44 6.10
C ARG A 421 -45.69 13.19 6.04
N VAL A 422 -45.69 12.41 7.11
CA VAL A 422 -44.91 11.18 7.16
C VAL A 422 -45.73 10.06 7.78
N GLU A 423 -45.11 8.90 7.98
CA GLU A 423 -45.79 7.76 8.57
C GLU A 423 -44.80 6.86 9.30
N LYS A 424 -45.00 6.72 10.60
CA LYS A 424 -44.11 5.89 11.41
C LYS A 424 -44.71 4.51 11.67
N ASP A 425 -43.84 3.51 11.79
CA ASP A 425 -44.25 2.14 12.03
C ASP A 425 -44.43 1.91 13.53
N ALA A 426 -44.33 0.64 13.94
CA ALA A 426 -44.48 0.30 15.35
C ALA A 426 -43.39 0.90 16.23
N GLU A 427 -42.14 0.69 15.84
CA GLU A 427 -41.01 1.22 16.60
C GLU A 427 -41.03 2.75 16.61
N GLY A 428 -41.74 3.34 15.65
CA GLY A 428 -41.83 4.78 15.57
C GLY A 428 -40.94 5.35 14.48
N ASN A 429 -40.28 4.46 13.74
CA ASN A 429 -39.38 4.83 12.65
C ASN A 429 -40.16 5.12 11.36
N ILE A 430 -39.91 6.27 10.75
CA ILE A 430 -40.59 6.65 9.51
C ILE A 430 -40.44 5.56 8.46
N THR A 431 -41.54 5.25 7.76
CA THR A 431 -41.53 4.23 6.72
C THR A 431 -41.68 4.87 5.36
N THR A 432 -42.37 5.99 5.30
CA THR A 432 -42.57 6.70 4.05
C THR A 432 -42.87 8.18 4.27
N ILE A 433 -42.30 9.03 3.41
CA ILE A 433 -42.45 10.48 3.48
C ILE A 433 -43.29 10.98 2.32
N PHE A 434 -44.42 11.60 2.62
CA PHE A 434 -45.30 12.10 1.58
C PHE A 434 -44.99 13.56 1.33
N CYS A 435 -44.94 13.96 0.07
CA CYS A 435 -44.63 15.33 -0.28
C CYS A 435 -45.24 15.70 -1.62
N THR A 436 -45.27 16.98 -1.92
CA THR A 436 -45.81 17.44 -3.18
C THR A 436 -44.68 18.17 -3.88
N TYR A 437 -44.80 18.36 -5.19
CA TYR A 437 -43.73 19.03 -5.92
C TYR A 437 -44.24 20.09 -6.87
N ASP A 438 -43.33 20.97 -7.25
CA ASP A 438 -43.63 22.03 -8.18
C ASP A 438 -43.19 21.54 -9.56
N ALA A 439 -44.17 21.17 -10.40
CA ALA A 439 -43.85 20.69 -11.73
C ALA A 439 -43.24 21.74 -12.66
N ASP A 440 -43.08 22.96 -12.16
CA ASP A 440 -42.51 24.03 -12.97
C ASP A 440 -41.09 24.40 -12.55
N THR A 441 -40.51 23.59 -11.65
CA THR A 441 -39.15 23.81 -11.17
C THR A 441 -38.08 23.12 -12.04
N LEU A 442 -37.14 23.92 -12.53
CA LEU A 442 -36.06 23.43 -13.38
C LEU A 442 -35.12 24.59 -13.63
N SER A 443 -35.39 25.69 -12.93
CA SER A 443 -34.59 26.91 -13.01
C SER A 443 -34.89 27.77 -11.79
N LYS A 444 -34.10 28.83 -11.61
CA LYS A 444 -34.27 29.73 -10.46
C LYS A 444 -35.64 30.39 -10.46
N GLY A 449 -41.43 33.83 -8.15
CA GLY A 449 -40.13 33.73 -7.49
C GLY A 449 -40.23 33.17 -6.08
N ARG A 450 -39.07 33.02 -5.44
CA ARG A 450 -39.01 32.48 -4.07
C ARG A 450 -37.56 32.53 -3.54
N LYS A 451 -37.15 31.46 -2.87
CA LYS A 451 -35.81 31.33 -2.32
C LYS A 451 -35.60 29.95 -1.71
N VAL A 452 -34.87 29.10 -2.43
CA VAL A 452 -34.59 27.74 -1.97
C VAL A 452 -33.16 27.61 -1.46
N LYS A 453 -32.97 26.75 -0.46
CA LYS A 453 -31.65 26.54 0.13
C LYS A 453 -31.49 25.08 0.53
N GLY A 454 -30.74 24.33 -0.27
CA GLY A 454 -30.51 22.92 0.03
C GLY A 454 -30.82 21.98 -1.15
N VAL A 455 -29.95 21.01 -1.36
CA VAL A 455 -30.12 20.04 -2.44
C VAL A 455 -29.82 18.64 -1.92
N ILE A 456 -30.55 17.63 -2.41
CA ILE A 456 -30.30 16.26 -1.97
C ILE A 456 -30.34 15.27 -3.15
N HIS A 457 -29.63 14.16 -2.99
CA HIS A 457 -29.58 13.14 -4.04
C HIS A 457 -30.76 12.21 -3.88
N TRP A 458 -30.99 11.37 -4.88
CA TRP A 458 -32.12 10.44 -4.85
C TRP A 458 -32.04 9.39 -5.94
N VAL A 459 -32.82 8.33 -5.77
CA VAL A 459 -32.89 7.22 -6.72
C VAL A 459 -34.35 6.72 -6.83
N SER A 460 -34.97 6.95 -7.98
CA SER A 460 -36.35 6.51 -8.24
C SER A 460 -36.52 5.02 -7.92
N ALA A 461 -37.63 4.66 -7.26
CA ALA A 461 -37.85 3.25 -6.94
C ALA A 461 -38.30 2.51 -8.19
N ALA A 462 -38.51 3.28 -9.27
CA ALA A 462 -38.94 2.73 -10.56
C ALA A 462 -38.01 1.61 -11.00
N HIS A 463 -36.85 1.97 -11.51
CA HIS A 463 -35.86 1.00 -11.96
C HIS A 463 -34.59 1.07 -11.11
N ALA A 464 -34.78 1.16 -9.79
CA ALA A 464 -33.65 1.24 -8.87
C ALA A 464 -32.80 -0.02 -8.91
N LEU A 465 -31.50 0.14 -8.66
CA LEU A 465 -30.61 -1.00 -8.67
C LEU A 465 -30.21 -1.38 -7.25
N PRO A 466 -30.68 -2.53 -6.76
CA PRO A 466 -30.34 -2.97 -5.40
C PRO A 466 -28.83 -3.17 -5.31
N VAL A 467 -28.15 -2.21 -4.68
CA VAL A 467 -26.70 -2.23 -4.53
C VAL A 467 -26.21 -2.34 -3.10
N GLU A 468 -25.21 -3.20 -2.88
CA GLU A 468 -24.63 -3.34 -1.56
C GLU A 468 -23.46 -2.36 -1.49
N ILE A 469 -23.48 -1.49 -0.47
CA ILE A 469 -22.41 -0.50 -0.31
C ILE A 469 -21.55 -0.80 0.90
N ARG A 470 -20.25 -0.84 0.70
CA ARG A 470 -19.32 -1.12 1.79
C ARG A 470 -18.62 0.15 2.23
N LEU A 471 -18.85 0.51 3.49
CA LEU A 471 -18.25 1.70 4.05
C LEU A 471 -17.11 1.25 4.95
N TYR A 472 -15.92 1.70 4.61
CA TYR A 472 -14.72 1.34 5.35
C TYR A 472 -14.30 2.46 6.25
N ASP A 473 -13.50 2.13 7.24
CA ASP A 473 -12.97 3.12 8.18
C ASP A 473 -11.58 2.65 8.59
N ARG A 474 -10.90 3.43 9.42
CA ARG A 474 -9.55 3.08 9.87
C ARG A 474 -9.53 1.63 10.34
N LEU A 475 -8.52 0.86 9.96
CA LEU A 475 -8.43 -0.54 10.37
C LEU A 475 -8.24 -0.67 11.90
N PHE A 476 -7.51 0.27 12.49
CA PHE A 476 -7.23 0.25 13.92
C PHE A 476 -7.77 1.48 14.64
N SER A 477 -8.16 1.30 15.89
CA SER A 477 -8.72 2.41 16.64
C SER A 477 -7.71 3.34 17.32
N VAL A 478 -6.41 3.08 17.13
CA VAL A 478 -5.38 3.94 17.73
C VAL A 478 -4.39 4.40 16.66
N PRO A 479 -3.80 5.58 16.85
CA PRO A 479 -2.82 6.18 15.93
C PRO A 479 -1.63 5.31 15.58
N ASN A 480 -1.04 4.69 16.58
CA ASN A 480 0.14 3.86 16.38
C ASN A 480 -0.09 2.43 16.85
N PRO A 481 -0.99 1.70 16.18
CA PRO A 481 -1.27 0.32 16.59
C PRO A 481 -0.04 -0.56 16.72
N GLY A 482 0.97 -0.31 15.89
CA GLY A 482 2.16 -1.13 15.97
C GLY A 482 2.87 -1.04 17.30
N ALA A 483 2.64 0.06 18.02
CA ALA A 483 3.28 0.27 19.31
C ALA A 483 2.47 -0.26 20.49
N ALA A 484 1.34 -0.92 20.20
CA ALA A 484 0.50 -1.47 21.27
C ALA A 484 1.04 -2.82 21.69
N ASP A 485 0.61 -3.30 22.86
CA ASP A 485 1.07 -4.58 23.35
C ASP A 485 0.61 -5.68 22.40
N ASP A 486 -0.65 -5.58 21.98
CA ASP A 486 -1.24 -6.54 21.06
C ASP A 486 -2.04 -5.70 20.06
N PHE A 487 -1.45 -5.40 18.90
CA PHE A 487 -2.12 -4.58 17.92
C PHE A 487 -3.45 -5.16 17.45
N LEU A 488 -3.59 -6.48 17.49
CA LEU A 488 -4.83 -7.10 17.05
C LEU A 488 -5.98 -6.72 17.97
N SER A 489 -5.72 -6.66 19.26
CA SER A 489 -6.78 -6.32 20.21
C SER A 489 -7.23 -4.88 20.03
N VAL A 490 -6.51 -4.13 19.21
CA VAL A 490 -6.85 -2.73 18.99
C VAL A 490 -7.49 -2.45 17.61
N ILE A 491 -7.89 -3.53 16.93
CA ILE A 491 -8.54 -3.41 15.62
C ILE A 491 -9.88 -2.67 15.75
N ASN A 492 -10.22 -1.90 14.74
CA ASN A 492 -11.48 -1.17 14.77
C ASN A 492 -12.60 -2.08 14.29
N PRO A 493 -13.53 -2.46 15.19
CA PRO A 493 -14.64 -3.34 14.83
C PRO A 493 -15.52 -2.74 13.75
N GLU A 494 -15.42 -1.44 13.53
CA GLU A 494 -16.23 -0.80 12.51
C GLU A 494 -15.48 -0.43 11.24
N SER A 495 -14.33 -1.07 11.02
CA SER A 495 -13.54 -0.80 9.83
C SER A 495 -14.37 -1.07 8.58
N LEU A 496 -15.35 -1.96 8.68
CA LEU A 496 -16.22 -2.30 7.56
C LEU A 496 -17.67 -2.42 8.02
N VAL A 497 -18.53 -1.58 7.46
CA VAL A 497 -19.95 -1.61 7.78
C VAL A 497 -20.67 -1.73 6.44
N ILE A 498 -21.33 -2.88 6.25
CA ILE A 498 -22.05 -3.18 5.02
C ILE A 498 -23.46 -2.61 5.03
N LYS A 499 -23.82 -1.92 3.96
CA LYS A 499 -25.15 -1.32 3.84
C LYS A 499 -25.85 -1.84 2.59
N GLN A 500 -27.18 -1.75 2.55
CA GLN A 500 -27.96 -2.18 1.39
C GLN A 500 -28.74 -0.97 0.91
N GLY A 501 -28.29 -0.37 -0.20
CA GLY A 501 -28.96 0.81 -0.71
C GLY A 501 -29.44 0.63 -2.13
N PHE A 502 -29.80 1.74 -2.76
CA PHE A 502 -30.30 1.72 -4.12
C PHE A 502 -29.55 2.77 -4.94
N ALA A 503 -29.19 2.40 -6.17
CA ALA A 503 -28.46 3.30 -7.04
C ALA A 503 -29.17 3.45 -8.38
N GLU A 504 -29.00 4.60 -9.01
CA GLU A 504 -29.59 4.84 -10.31
C GLU A 504 -29.20 3.64 -11.19
N PRO A 505 -30.10 3.18 -12.08
CA PRO A 505 -29.85 2.04 -12.97
C PRO A 505 -28.62 2.06 -13.88
N SER A 506 -28.13 3.23 -14.26
CA SER A 506 -26.96 3.30 -15.13
C SER A 506 -25.73 2.63 -14.51
N LEU A 507 -25.67 2.57 -13.18
CA LEU A 507 -24.54 1.95 -12.51
C LEU A 507 -24.49 0.45 -12.78
N LYS A 508 -25.48 -0.07 -13.49
CA LYS A 508 -25.50 -1.49 -13.80
C LYS A 508 -24.33 -1.82 -14.73
N ASP A 509 -23.78 -0.80 -15.39
CA ASP A 509 -22.68 -0.98 -16.32
C ASP A 509 -21.32 -0.51 -15.78
N ALA A 510 -21.20 -0.46 -14.46
CA ALA A 510 -19.96 -0.03 -13.84
C ALA A 510 -18.91 -1.15 -13.91
N VAL A 511 -17.66 -0.76 -14.14
CA VAL A 511 -16.58 -1.72 -14.25
C VAL A 511 -15.58 -1.55 -13.13
N ALA A 512 -15.22 -2.67 -12.50
CA ALA A 512 -14.24 -2.64 -11.40
C ALA A 512 -13.00 -1.89 -11.87
N GLY A 513 -12.55 -0.92 -11.09
CA GLY A 513 -11.37 -0.17 -11.48
C GLY A 513 -11.70 1.18 -12.04
N LYS A 514 -12.96 1.58 -11.92
CA LYS A 514 -13.40 2.88 -12.41
C LYS A 514 -14.25 3.45 -11.28
N ALA A 515 -13.81 4.56 -10.70
CA ALA A 515 -14.51 5.16 -9.58
C ALA A 515 -15.44 6.31 -9.92
N PHE A 516 -16.66 6.26 -9.37
CA PHE A 516 -17.61 7.33 -9.59
C PHE A 516 -17.70 8.13 -8.28
N GLN A 517 -18.28 9.33 -8.38
CA GLN A 517 -18.46 10.12 -7.17
C GLN A 517 -19.94 10.15 -6.89
N PHE A 518 -20.40 9.33 -5.96
CA PHE A 518 -21.80 9.34 -5.58
C PHE A 518 -21.99 10.68 -4.90
N GLU A 519 -22.65 11.60 -5.59
CA GLU A 519 -22.86 12.95 -5.06
C GLU A 519 -23.28 13.06 -3.60
N ARG A 520 -22.63 13.99 -2.91
CA ARG A 520 -22.84 14.29 -1.51
C ARG A 520 -22.54 13.12 -0.58
N GLU A 521 -21.87 12.09 -1.11
CA GLU A 521 -21.55 10.92 -0.29
C GLU A 521 -20.09 10.47 -0.38
N GLY A 522 -19.41 10.82 -1.46
CA GLY A 522 -18.01 10.42 -1.60
C GLY A 522 -17.72 9.67 -2.89
N TYR A 523 -16.52 9.12 -2.99
CA TYR A 523 -16.08 8.40 -4.17
C TYR A 523 -16.22 6.90 -3.96
N PHE A 524 -16.82 6.22 -4.92
CA PHE A 524 -17.01 4.78 -4.80
C PHE A 524 -16.55 4.09 -6.06
N CYS A 525 -16.44 2.77 -6.00
CA CYS A 525 -16.03 2.00 -7.17
C CYS A 525 -16.47 0.56 -6.96
N LEU A 526 -16.77 -0.12 -8.06
CA LEU A 526 -17.22 -1.50 -8.00
C LEU A 526 -16.14 -2.41 -7.45
N ASP A 527 -16.56 -3.44 -6.73
CA ASP A 527 -15.65 -4.41 -6.16
C ASP A 527 -16.00 -5.78 -6.74
N SER A 528 -15.26 -6.17 -7.77
CA SER A 528 -15.48 -7.43 -8.46
C SER A 528 -15.50 -8.68 -7.60
N ARG A 529 -14.81 -8.66 -6.46
CA ARG A 529 -14.78 -9.83 -5.60
C ARG A 529 -16.16 -10.21 -5.04
N HIS A 530 -16.92 -9.22 -4.60
CA HIS A 530 -18.24 -9.48 -4.03
C HIS A 530 -19.41 -9.16 -4.95
N SER A 531 -19.13 -8.49 -6.07
CA SER A 531 -20.18 -8.15 -7.02
C SER A 531 -20.70 -9.36 -7.78
N THR A 532 -22.00 -9.34 -8.08
CA THR A 532 -22.64 -10.42 -8.83
C THR A 532 -23.60 -9.77 -9.83
N ALA A 533 -24.09 -10.56 -10.79
CA ALA A 533 -25.01 -10.04 -11.78
C ALA A 533 -26.23 -9.49 -11.07
N GLU A 534 -26.65 -10.16 -10.01
CA GLU A 534 -27.80 -9.74 -9.23
C GLU A 534 -27.51 -8.47 -8.42
N LYS A 535 -26.73 -8.64 -7.35
CA LYS A 535 -26.41 -7.52 -6.46
C LYS A 535 -24.96 -7.04 -6.53
N PRO A 536 -24.74 -5.89 -7.19
CA PRO A 536 -23.40 -5.29 -7.33
C PRO A 536 -22.91 -4.84 -5.95
N VAL A 537 -21.59 -4.80 -5.76
CA VAL A 537 -21.01 -4.35 -4.50
C VAL A 537 -20.08 -3.17 -4.76
N PHE A 538 -20.32 -2.06 -4.08
CA PHE A 538 -19.48 -0.88 -4.26
C PHE A 538 -18.66 -0.58 -3.01
N ASN A 539 -17.38 -0.31 -3.22
CA ASN A 539 -16.49 0.04 -2.11
C ASN A 539 -16.44 1.56 -2.04
N ARG A 540 -16.56 2.12 -0.83
CA ARG A 540 -16.44 3.57 -0.72
C ARG A 540 -14.95 3.85 -0.58
N THR A 541 -14.37 4.52 -1.57
CA THR A 541 -12.97 4.83 -1.52
C THR A 541 -12.69 5.76 -0.35
N VAL A 542 -13.32 6.93 -0.39
CA VAL A 542 -13.19 7.93 0.65
C VAL A 542 -14.42 8.85 0.60
N GLY A 543 -14.84 9.35 1.75
CA GLY A 543 -15.99 10.24 1.77
C GLY A 543 -15.58 11.64 1.37
N LEU A 544 -16.56 12.48 1.12
CA LEU A 544 -16.32 13.86 0.74
C LEU A 544 -16.02 14.63 2.02
N ARG A 545 -15.39 15.79 1.89
CA ARG A 545 -15.11 16.62 3.04
C ARG A 545 -16.48 17.03 3.60
N ASP A 546 -16.73 16.71 4.87
CA ASP A 546 -18.01 17.00 5.48
C ASP A 546 -17.93 17.95 6.67
N THR A 547 -18.61 19.08 6.56
CA THR A 547 -18.65 20.08 7.62
C THR A 547 -19.62 21.18 7.19
N TRP A 548 -20.70 21.35 7.95
CA TRP A 548 -21.69 22.37 7.61
C TRP A 548 -21.03 23.71 7.29
#